data_8SCA
#
_entry.id   8SCA
#
_cell.length_a   53.360
_cell.length_b   54.631
_cell.length_c   73.800
_cell.angle_alpha   90.000
_cell.angle_beta   90.000
_cell.angle_gamma   90.000
#
_symmetry.space_group_name_H-M   'P 21 21 21'
#
loop_
_entity.id
_entity.type
_entity.pdbx_description
1 polymer 'CRISPR-associated endonuclease Cas9/Csn1'
2 non-polymer 1,2-ETHANEDIOL
3 water water
#
_entity_poly.entity_id   1
_entity_poly.type   'polypeptide(L)'
_entity_poly.pdbx_seq_one_letter_code
;SNFDKNLPNEKVLPKHSLLYEYFTVYNELTKVKYVTEGMRKPAFLSGEQKKAIVDLLFKTNRKVTVKQLKEDYFKKIECF
DSVEISGVEDRFNASLGTYHDLLKIIKDKDFLDNEENEDILEDIVLTLTLFEDREMIEERLKTYAHLFDDKVMKQLKRRR
YTGWGRLSRKLINGIRDKQSGKTILDFLKSDGFANRNFMQLIHDDSLTFKEDIQKAQV
;
_entity_poly.pdbx_strand_id   B
#
loop_
_chem_comp.id
_chem_comp.type
_chem_comp.name
_chem_comp.formula
EDO non-polymer 1,2-ETHANEDIOL 'C2 H6 O2'
#
# COMPACT_ATOMS: atom_id res chain seq x y z
N SER A 1 11.04 -13.69 -13.67
CA SER A 1 10.22 -14.77 -14.20
C SER A 1 8.80 -14.32 -14.48
N ASN A 2 8.25 -13.49 -13.60
CA ASN A 2 6.87 -13.00 -13.72
C ASN A 2 6.89 -11.52 -14.06
N PHE A 3 6.24 -11.15 -15.16
CA PHE A 3 6.25 -9.80 -15.69
C PHE A 3 4.86 -9.19 -15.64
N ASP A 4 4.82 -7.87 -15.48
CA ASP A 4 3.58 -7.10 -15.38
C ASP A 4 2.91 -7.00 -16.75
N LYS A 5 1.68 -7.51 -16.88
CA LYS A 5 1.03 -7.45 -18.20
C LYS A 5 0.85 -6.02 -18.69
N ASN A 6 0.75 -5.06 -17.78
CA ASN A 6 0.60 -3.66 -18.19
C ASN A 6 1.92 -3.07 -18.71
N LEU A 7 3.05 -3.50 -18.16
CA LEU A 7 4.39 -3.03 -18.56
C LEU A 7 5.25 -4.27 -18.73
N PRO A 8 5.17 -4.92 -19.90
CA PRO A 8 5.62 -6.31 -20.01
C PRO A 8 7.12 -6.52 -19.87
N ASN A 9 7.91 -5.46 -19.80
CA ASN A 9 9.34 -5.61 -19.54
C ASN A 9 9.68 -5.36 -18.07
N GLU A 10 8.68 -5.15 -17.22
CA GLU A 10 8.89 -4.92 -15.80
C GLU A 10 8.49 -6.17 -15.02
N LYS A 11 9.38 -6.61 -14.13
CA LYS A 11 9.04 -7.72 -13.25
C LYS A 11 8.06 -7.27 -12.17
N VAL A 12 7.25 -8.22 -11.68
CA VAL A 12 6.23 -7.90 -10.68
C VAL A 12 6.87 -7.81 -9.30
N LEU A 13 6.17 -7.11 -8.40
CA LEU A 13 6.59 -6.99 -7.01
C LEU A 13 6.32 -8.29 -6.25
N PRO A 14 7.08 -8.56 -5.18
CA PRO A 14 6.69 -9.63 -4.25
C PRO A 14 5.28 -9.42 -3.73
N LYS A 15 4.58 -10.54 -3.49
CA LYS A 15 3.24 -10.47 -2.93
C LYS A 15 3.23 -9.69 -1.62
N HIS A 16 4.28 -9.83 -0.83
CA HIS A 16 4.34 -9.20 0.48
C HIS A 16 5.13 -7.89 0.47
N SER A 17 5.42 -7.35 -0.71
CA SER A 17 5.99 -6.00 -0.77
C SER A 17 5.11 -5.02 0.00
N LEU A 18 5.72 -4.21 0.86
CA LEU A 18 4.95 -3.22 1.60
C LEU A 18 4.39 -2.14 0.69
N LEU A 19 5.11 -1.76 -0.37
CA LEU A 19 4.54 -0.85 -1.37
C LEU A 19 3.29 -1.46 -2.01
N TYR A 20 3.36 -2.75 -2.36
CA TYR A 20 2.19 -3.41 -2.93
C TYR A 20 1.03 -3.44 -1.95
N GLU A 21 1.34 -3.67 -0.67
CA GLU A 21 0.26 -3.66 0.33
C GLU A 21 -0.35 -2.28 0.48
N TYR A 22 0.46 -1.22 0.47
CA TYR A 22 -0.11 0.13 0.54
C TYR A 22 -1.00 0.40 -0.68
N PHE A 23 -0.55 -0.05 -1.85
CA PHE A 23 -1.38 0.06 -3.05
C PHE A 23 -2.76 -0.57 -2.82
N THR A 24 -2.79 -1.78 -2.26
CA THR A 24 -4.07 -2.45 -2.05
C THR A 24 -4.93 -1.71 -1.03
N VAL A 25 -4.31 -1.20 0.03
CA VAL A 25 -5.08 -0.49 1.05
C VAL A 25 -5.69 0.79 0.48
N TYR A 26 -4.89 1.60 -0.23
CA TYR A 26 -5.45 2.83 -0.77
C TYR A 26 -6.46 2.54 -1.88
N ASN A 27 -6.21 1.51 -2.69
CA ASN A 27 -7.18 1.17 -3.73
C ASN A 27 -8.53 0.83 -3.12
N GLU A 28 -8.54 0.10 -2.00
CA GLU A 28 -9.78 -0.22 -1.31
C GLU A 28 -10.39 1.00 -0.65
N LEU A 29 -9.57 1.81 0.03
CA LEU A 29 -10.11 2.96 0.75
C LEU A 29 -10.71 3.99 -0.18
N THR A 30 -10.20 4.09 -1.42
CA THR A 30 -10.65 5.19 -2.24
C THR A 30 -12.07 5.00 -2.75
N LYS A 31 -12.64 3.79 -2.63
CA LYS A 31 -14.02 3.58 -3.03
C LYS A 31 -14.96 3.41 -1.84
N VAL A 32 -14.47 3.63 -0.61
CA VAL A 32 -15.36 3.68 0.54
C VAL A 32 -16.23 4.92 0.45
N LYS A 33 -17.52 4.77 0.80
CA LYS A 33 -18.44 5.91 0.82
C LYS A 33 -19.07 5.97 2.21
N TYR A 34 -19.43 7.17 2.65
CA TYR A 34 -20.05 7.33 3.95
C TYR A 34 -21.16 8.37 3.91
N VAL A 35 -22.06 8.29 4.88
CA VAL A 35 -23.13 9.27 5.04
C VAL A 35 -23.25 9.57 6.53
N THR A 36 -23.28 10.85 6.89
CA THR A 36 -23.61 11.24 8.26
C THR A 36 -24.73 12.26 8.23
N GLU A 37 -25.23 12.60 9.43
CA GLU A 37 -26.38 13.50 9.51
C GLU A 37 -26.12 14.79 8.76
N GLY A 38 -27.11 15.24 8.01
CA GLY A 38 -27.01 16.44 7.20
C GLY A 38 -26.60 16.20 5.76
N MET A 39 -26.05 15.03 5.45
CA MET A 39 -25.64 14.72 4.08
C MET A 39 -26.84 14.19 3.32
N ARG A 40 -26.93 14.57 2.04
CA ARG A 40 -28.03 14.14 1.18
C ARG A 40 -27.63 13.03 0.23
N LYS A 41 -26.35 12.68 0.20
CA LYS A 41 -25.84 11.64 -0.67
C LYS A 41 -24.54 11.14 -0.05
N PRO A 42 -24.16 9.89 -0.28
CA PRO A 42 -22.87 9.44 0.25
C PRO A 42 -21.72 10.18 -0.40
N ALA A 43 -20.62 10.30 0.33
CA ALA A 43 -19.41 10.94 -0.16
C ALA A 43 -18.23 9.97 -0.09
N PHE A 44 -17.28 10.18 -1.00
CA PHE A 44 -15.98 9.51 -0.91
C PHE A 44 -15.13 10.10 0.21
N LEU A 45 -14.19 9.30 0.70
CA LEU A 45 -13.15 9.77 1.60
C LEU A 45 -12.21 10.74 0.90
N SER A 46 -11.81 11.79 1.61
CA SER A 46 -10.83 12.71 1.07
C SER A 46 -9.42 12.12 1.22
N GLY A 47 -8.45 12.76 0.56
CA GLY A 47 -7.07 12.36 0.76
C GLY A 47 -6.65 12.45 2.22
N GLU A 48 -7.07 13.51 2.91
CA GLU A 48 -6.71 13.65 4.33
C GLU A 48 -7.37 12.57 5.18
N GLN A 49 -8.63 12.23 4.91
CA GLN A 49 -9.28 11.15 5.64
C GLN A 49 -8.58 9.82 5.41
N LYS A 50 -8.26 9.51 4.16
CA LYS A 50 -7.60 8.25 3.88
C LYS A 50 -6.26 8.15 4.60
N LYS A 51 -5.48 9.23 4.59
CA LYS A 51 -4.19 9.20 5.28
C LYS A 51 -4.39 8.98 6.78
N ALA A 52 -5.35 9.67 7.39
CA ALA A 52 -5.57 9.51 8.82
C ALA A 52 -6.03 8.10 9.15
N ILE A 53 -6.89 7.53 8.32
CA ILE A 53 -7.32 6.16 8.53
C ILE A 53 -6.14 5.19 8.43
N VAL A 54 -5.26 5.40 7.45
CA VAL A 54 -4.09 4.53 7.34
C VAL A 54 -3.20 4.67 8.57
N ASP A 55 -2.93 5.91 9.00
CA ASP A 55 -2.03 6.10 10.13
C ASP A 55 -2.63 5.60 11.43
N LEU A 56 -3.94 5.83 11.64
CA LEU A 56 -4.54 5.55 12.94
C LEU A 56 -5.07 4.13 13.06
N LEU A 57 -5.47 3.49 11.96
CA LEU A 57 -6.06 2.17 12.03
C LEU A 57 -5.22 1.09 11.35
N PHE A 58 -4.79 1.29 10.10
CA PHE A 58 -4.07 0.21 9.41
C PHE A 58 -2.67 0.01 9.95
N LYS A 59 -2.05 1.05 10.50
CA LYS A 59 -0.74 0.89 11.11
C LYS A 59 -0.82 0.38 12.55
N THR A 60 -2.01 0.35 13.16
CA THR A 60 -2.15 -0.14 14.53
C THR A 60 -2.87 -1.48 14.61
N ASN A 61 -3.45 -1.97 13.51
CA ASN A 61 -4.17 -3.24 13.48
C ASN A 61 -3.81 -3.97 12.20
N ARG A 62 -3.56 -5.27 12.29
CA ARG A 62 -3.37 -6.04 11.07
C ARG A 62 -4.62 -5.99 10.20
N LYS A 63 -5.79 -6.24 10.81
CA LYS A 63 -7.08 -6.16 10.15
C LYS A 63 -7.91 -5.03 10.75
N VAL A 64 -8.55 -4.23 9.88
CA VAL A 64 -9.37 -3.11 10.31
C VAL A 64 -10.84 -3.44 10.05
N THR A 65 -11.68 -3.37 11.09
CA THR A 65 -13.10 -3.65 10.94
C THR A 65 -13.87 -2.37 10.62
N VAL A 66 -15.09 -2.55 10.09
CA VAL A 66 -15.95 -1.40 9.83
C VAL A 66 -16.32 -0.72 11.14
N LYS A 67 -16.53 -1.52 12.20
CA LYS A 67 -16.83 -0.96 13.51
C LYS A 67 -15.71 -0.03 13.98
N GLN A 68 -14.45 -0.41 13.76
CA GLN A 68 -13.35 0.47 14.13
C GLN A 68 -13.35 1.75 13.31
N LEU A 69 -13.57 1.64 12.00
CA LEU A 69 -13.67 2.83 11.18
C LEU A 69 -14.77 3.76 11.69
N LYS A 70 -15.92 3.20 12.06
CA LYS A 70 -17.02 4.04 12.53
C LYS A 70 -16.71 4.69 13.88
N GLU A 71 -16.29 3.88 14.86
CA GLU A 71 -16.16 4.36 16.22
C GLU A 71 -14.83 5.06 16.47
N ASP A 72 -13.73 4.49 15.97
CA ASP A 72 -12.42 4.98 16.31
C ASP A 72 -11.89 6.02 15.32
N TYR A 73 -12.55 6.20 14.17
CA TYR A 73 -12.19 7.32 13.30
C TYR A 73 -13.34 8.31 13.14
N PHE A 74 -14.50 7.88 12.63
CA PHE A 74 -15.55 8.85 12.32
C PHE A 74 -16.11 9.51 13.58
N LYS A 75 -16.37 8.74 14.63
CA LYS A 75 -16.91 9.34 15.84
C LYS A 75 -15.81 10.02 16.64
N LYS A 76 -14.71 9.29 16.91
CA LYS A 76 -13.66 9.80 17.78
C LYS A 76 -12.96 11.03 17.18
N ILE A 77 -12.58 10.95 15.90
CA ILE A 77 -11.76 11.97 15.28
C ILE A 77 -12.60 13.02 14.55
N GLU A 78 -13.55 12.58 13.72
CA GLU A 78 -14.36 13.51 12.96
C GLU A 78 -15.58 14.00 13.73
N CYS A 79 -15.86 13.43 14.89
CA CYS A 79 -16.98 13.86 15.73
C CYS A 79 -18.34 13.70 15.04
N PHE A 80 -18.50 12.64 14.25
CA PHE A 80 -19.81 12.35 13.70
C PHE A 80 -20.71 11.73 14.76
N ASP A 81 -22.01 12.01 14.67
CA ASP A 81 -22.98 11.40 15.58
C ASP A 81 -23.23 9.94 15.21
N SER A 82 -23.70 9.72 13.99
CA SER A 82 -23.85 8.38 13.43
C SER A 82 -23.21 8.38 12.04
N VAL A 83 -22.98 7.20 11.51
CA VAL A 83 -22.36 7.09 10.20
C VAL A 83 -22.75 5.76 9.59
N GLU A 84 -23.09 5.78 8.31
CA GLU A 84 -23.30 4.57 7.52
C GLU A 84 -22.19 4.49 6.49
N ILE A 85 -21.73 3.26 6.22
CA ILE A 85 -20.56 3.01 5.38
C ILE A 85 -20.94 2.08 4.24
N SER A 86 -20.41 2.34 3.05
CA SER A 86 -20.50 1.42 1.92
C SER A 86 -19.15 1.30 1.22
N GLY A 87 -19.01 0.26 0.40
CA GLY A 87 -17.74 -0.04 -0.26
C GLY A 87 -16.81 -0.95 0.50
N VAL A 88 -17.19 -1.35 1.73
CA VAL A 88 -16.47 -2.34 2.50
C VAL A 88 -17.49 -3.09 3.34
N GLU A 89 -17.17 -4.35 3.67
CA GLU A 89 -18.13 -5.28 4.25
C GLU A 89 -17.48 -5.95 5.45
N ASP A 90 -18.00 -5.66 6.65
CA ASP A 90 -17.54 -6.31 7.88
C ASP A 90 -16.14 -5.86 8.29
N ARG A 91 -15.16 -6.11 7.43
CA ARG A 91 -13.78 -5.67 7.69
C ARG A 91 -13.10 -5.45 6.35
N PHE A 92 -12.07 -4.61 6.36
CA PHE A 92 -11.35 -4.37 5.13
C PHE A 92 -10.56 -5.61 4.72
N ASN A 93 -10.55 -5.89 3.42
CA ASN A 93 -9.79 -7.04 2.93
C ASN A 93 -8.29 -6.75 2.93
N ALA A 94 -7.89 -5.53 2.58
CA ALA A 94 -6.47 -5.23 2.49
C ALA A 94 -5.85 -5.05 3.86
N SER A 95 -4.54 -5.31 3.95
CA SER A 95 -3.82 -5.34 5.21
C SER A 95 -2.37 -4.93 4.98
N LEU A 96 -1.80 -4.17 5.90
CA LEU A 96 -0.36 -3.91 5.88
C LEU A 96 0.39 -4.96 6.72
N GLY A 97 0.20 -6.23 6.33
CA GLY A 97 0.82 -7.32 7.08
C GLY A 97 2.33 -7.17 7.23
N THR A 98 2.99 -6.71 6.17
CA THR A 98 4.45 -6.62 6.21
C THR A 98 4.91 -5.47 7.08
N TYR A 99 4.13 -4.39 7.14
CA TYR A 99 4.42 -3.32 8.09
C TYR A 99 4.47 -3.87 9.51
N HIS A 100 3.46 -4.68 9.88
CA HIS A 100 3.41 -5.20 11.23
C HIS A 100 4.47 -6.27 11.46
N ASP A 101 4.73 -7.11 10.47
CA ASP A 101 5.82 -8.09 10.61
C ASP A 101 7.14 -7.41 10.88
N LEU A 102 7.51 -6.44 10.03
CA LEU A 102 8.80 -5.80 10.18
C LEU A 102 8.86 -4.92 11.42
N LEU A 103 7.74 -4.27 11.79
CA LEU A 103 7.79 -3.42 12.98
C LEU A 103 8.07 -4.25 14.23
N LYS A 104 7.56 -5.48 14.29
CA LYS A 104 7.81 -6.34 15.44
C LYS A 104 9.26 -6.78 15.50
N ILE A 105 9.89 -6.97 14.34
CA ILE A 105 11.28 -7.42 14.28
C ILE A 105 12.24 -6.26 14.53
N ILE A 106 12.01 -5.13 13.85
CA ILE A 106 12.94 -4.01 13.91
C ILE A 106 12.68 -3.11 15.11
N LYS A 107 11.42 -3.04 15.58
CA LYS A 107 11.06 -2.28 16.79
C LYS A 107 11.45 -0.82 16.67
N ASP A 108 11.23 -0.24 15.49
CA ASP A 108 11.53 1.16 15.23
C ASP A 108 10.39 1.67 14.35
N LYS A 109 9.38 2.29 14.97
CA LYS A 109 8.24 2.79 14.18
C LYS A 109 8.68 3.88 13.22
N ASP A 110 9.51 4.81 13.69
CA ASP A 110 9.96 5.89 12.82
C ASP A 110 10.64 5.34 11.57
N PHE A 111 11.48 4.30 11.71
CA PHE A 111 12.06 3.66 10.54
C PHE A 111 11.00 3.17 9.57
N LEU A 112 9.97 2.47 10.08
CA LEU A 112 8.94 1.93 9.19
C LEU A 112 8.09 3.02 8.55
N ASP A 113 7.82 4.10 9.27
CA ASP A 113 6.98 5.18 8.76
C ASP A 113 7.70 6.08 7.77
N ASN A 114 9.03 6.09 7.77
CA ASN A 114 9.82 6.99 6.93
C ASN A 114 9.82 6.46 5.50
N GLU A 115 9.13 7.16 4.58
CA GLU A 115 9.05 6.67 3.20
C GLU A 115 10.42 6.68 2.51
N GLU A 116 11.38 7.45 3.03
CA GLU A 116 12.70 7.41 2.39
C GLU A 116 13.38 6.06 2.57
N ASN A 117 12.89 5.21 3.50
CA ASN A 117 13.42 3.87 3.64
C ASN A 117 12.76 2.87 2.69
N GLU A 118 11.94 3.34 1.77
CA GLU A 118 11.18 2.44 0.91
C GLU A 118 12.11 1.46 0.19
N ASP A 119 13.22 1.95 -0.39
CA ASP A 119 14.10 1.07 -1.15
C ASP A 119 14.67 -0.05 -0.27
N ILE A 120 15.05 0.27 0.98
CA ILE A 120 15.57 -0.75 1.89
C ILE A 120 14.50 -1.80 2.19
N LEU A 121 13.30 -1.34 2.53
CA LEU A 121 12.23 -2.27 2.89
C LEU A 121 11.85 -3.14 1.72
N GLU A 122 11.82 -2.57 0.51
CA GLU A 122 11.49 -3.38 -0.66
C GLU A 122 12.58 -4.40 -0.95
N ASP A 123 13.84 -4.03 -0.72
CA ASP A 123 14.95 -4.96 -0.93
C ASP A 123 14.92 -6.10 0.08
N ILE A 124 14.59 -5.80 1.34
CA ILE A 124 14.48 -6.84 2.35
C ILE A 124 13.41 -7.85 1.96
N VAL A 125 12.22 -7.36 1.59
CA VAL A 125 11.13 -8.28 1.27
C VAL A 125 11.46 -9.10 0.03
N LEU A 126 12.09 -8.48 -0.97
CA LEU A 126 12.49 -9.24 -2.16
C LEU A 126 13.48 -10.34 -1.79
N THR A 127 14.46 -10.02 -0.96
CA THR A 127 15.42 -11.04 -0.54
C THR A 127 14.74 -12.18 0.20
N LEU A 128 13.82 -11.86 1.12
CA LEU A 128 13.11 -12.90 1.86
C LEU A 128 12.12 -13.67 0.97
N THR A 129 11.77 -13.14 -0.19
CA THR A 129 10.90 -13.86 -1.13
C THR A 129 11.68 -14.74 -2.09
N LEU A 130 12.89 -14.32 -2.47
CA LEU A 130 13.67 -15.05 -3.46
C LEU A 130 14.41 -16.25 -2.87
N PHE A 131 14.86 -16.16 -1.63
CA PHE A 131 15.80 -17.12 -1.09
C PHE A 131 15.23 -17.86 0.11
N GLU A 132 15.61 -19.12 0.25
CA GLU A 132 15.21 -19.89 1.42
C GLU A 132 16.40 -20.38 2.23
N ASP A 133 17.61 -19.93 1.87
CA ASP A 133 18.84 -20.29 2.57
C ASP A 133 19.24 -19.16 3.51
N ARG A 134 19.37 -19.49 4.80
CA ARG A 134 19.72 -18.49 5.81
C ARG A 134 21.00 -17.76 5.43
N GLU A 135 22.01 -18.50 4.97
CA GLU A 135 23.28 -17.85 4.65
C GLU A 135 23.16 -16.92 3.46
N MET A 136 22.43 -17.32 2.42
CA MET A 136 22.26 -16.44 1.27
C MET A 136 21.47 -15.19 1.64
N ILE A 137 20.51 -15.32 2.54
CA ILE A 137 19.78 -14.14 3.00
C ILE A 137 20.72 -13.20 3.75
N GLU A 138 21.51 -13.73 4.68
CA GLU A 138 22.41 -12.88 5.44
C GLU A 138 23.49 -12.25 4.55
N GLU A 139 23.98 -13.00 3.55
CA GLU A 139 24.96 -12.42 2.63
C GLU A 139 24.43 -11.18 1.95
N ARG A 140 23.12 -11.14 1.67
CA ARG A 140 22.55 -9.97 1.02
C ARG A 140 22.14 -8.91 2.03
N LEU A 141 21.59 -9.31 3.16
CA LEU A 141 21.10 -8.32 4.11
C LEU A 141 22.19 -7.68 4.95
N LYS A 142 23.39 -8.27 5.02
CA LYS A 142 24.40 -7.66 5.87
C LYS A 142 24.93 -6.34 5.32
N THR A 143 24.58 -5.97 4.08
CA THR A 143 24.89 -4.61 3.66
C THR A 143 24.18 -3.57 4.53
N TYR A 144 23.13 -3.98 5.24
CA TYR A 144 22.38 -3.12 6.14
C TYR A 144 22.78 -3.26 7.60
N ALA A 145 23.93 -3.89 7.88
CA ALA A 145 24.37 -4.04 9.27
C ALA A 145 24.55 -2.69 9.95
N HIS A 146 24.83 -1.63 9.19
CA HIS A 146 24.95 -0.32 9.82
C HIS A 146 23.61 0.20 10.35
N LEU A 147 22.49 -0.39 9.91
CA LEU A 147 21.16 -0.02 10.40
C LEU A 147 20.58 -0.98 11.41
N PHE A 148 20.86 -2.28 11.29
CA PHE A 148 20.18 -3.32 12.05
C PHE A 148 21.22 -4.10 12.86
N ASP A 149 21.00 -4.21 14.17
CA ASP A 149 21.95 -4.93 15.00
C ASP A 149 21.75 -6.43 14.83
N ASP A 150 22.62 -7.23 15.48
CA ASP A 150 22.59 -8.67 15.25
C ASP A 150 21.30 -9.31 15.77
N LYS A 151 20.66 -8.72 16.77
CA LYS A 151 19.36 -9.24 17.20
C LYS A 151 18.34 -9.15 16.08
N VAL A 152 18.29 -7.99 15.40
CA VAL A 152 17.39 -7.84 14.25
C VAL A 152 17.81 -8.80 13.14
N MET A 153 19.11 -8.86 12.85
CA MET A 153 19.56 -9.67 11.72
C MET A 153 19.25 -11.14 11.93
N LYS A 154 19.40 -11.64 13.16
CA LYS A 154 19.12 -13.04 13.43
C LYS A 154 17.67 -13.39 13.13
N GLN A 155 16.76 -12.47 13.43
CA GLN A 155 15.34 -12.70 13.13
C GLN A 155 15.07 -12.60 11.64
N LEU A 156 15.57 -11.54 11.00
CA LEU A 156 15.31 -11.35 9.58
C LEU A 156 15.79 -12.52 8.74
N LYS A 157 16.96 -13.07 9.08
CA LYS A 157 17.53 -14.06 8.18
C LYS A 157 16.79 -15.39 8.23
N ARG A 158 15.92 -15.60 9.23
CA ARG A 158 15.09 -16.78 9.30
C ARG A 158 13.67 -16.57 8.77
N ARG A 159 13.32 -15.34 8.39
CA ARG A 159 11.99 -15.07 7.87
C ARG A 159 11.91 -15.42 6.39
N ARG A 160 10.72 -15.81 5.95
CA ARG A 160 10.47 -16.12 4.54
C ARG A 160 9.14 -15.53 4.13
N TYR A 161 9.11 -14.92 2.95
CA TYR A 161 7.85 -14.55 2.31
C TYR A 161 7.67 -15.38 1.04
N THR A 162 6.41 -15.71 0.73
CA THR A 162 6.11 -16.51 -0.45
C THR A 162 5.13 -15.76 -1.33
N GLY A 163 5.30 -15.95 -2.64
CA GLY A 163 4.30 -15.47 -3.59
C GLY A 163 4.71 -14.19 -4.29
N TRP A 164 4.19 -14.02 -5.49
CA TRP A 164 4.42 -12.83 -6.30
C TRP A 164 3.12 -12.09 -6.50
N GLY A 165 3.22 -10.77 -6.64
CA GLY A 165 2.08 -9.95 -6.96
C GLY A 165 1.83 -9.92 -8.46
N ARG A 166 0.88 -9.07 -8.86
CA ARG A 166 0.47 -8.96 -10.26
C ARG A 166 0.99 -7.71 -10.96
N LEU A 167 1.54 -6.75 -10.21
CA LEU A 167 1.90 -5.45 -10.76
C LEU A 167 3.34 -5.10 -10.42
N SER A 168 3.98 -4.31 -11.29
CA SER A 168 5.35 -3.85 -11.09
C SER A 168 5.38 -2.56 -10.29
N ARG A 169 6.53 -2.30 -9.66
CA ARG A 169 6.74 -1.05 -8.95
C ARG A 169 6.66 0.14 -9.89
N LYS A 170 7.13 -0.04 -11.12
CA LYS A 170 7.10 1.08 -12.07
C LYS A 170 5.66 1.43 -12.46
N LEU A 171 4.78 0.42 -12.57
CA LEU A 171 3.39 0.72 -12.89
C LEU A 171 2.71 1.44 -11.73
N ILE A 172 2.89 0.93 -10.50
CA ILE A 172 2.06 1.49 -9.44
C ILE A 172 2.62 2.79 -8.87
N ASN A 173 3.94 3.04 -8.95
CA ASN A 173 4.42 4.28 -8.35
C ASN A 173 5.61 4.82 -9.13
N GLY A 174 5.63 4.64 -10.46
CA GLY A 174 6.74 5.09 -11.28
C GLY A 174 6.28 5.97 -12.43
N ILE A 175 5.46 5.44 -13.32
CA ILE A 175 5.00 6.25 -14.45
C ILE A 175 4.14 7.39 -13.91
N ARG A 176 4.26 8.56 -14.53
CA ARG A 176 3.58 9.77 -14.07
C ARG A 176 2.60 10.23 -15.13
N ASP A 177 1.40 10.61 -14.68
CA ASP A 177 0.45 11.28 -15.56
C ASP A 177 1.08 12.56 -16.09
N LYS A 178 0.90 12.82 -17.39
CA LYS A 178 1.64 13.89 -18.04
C LYS A 178 1.28 15.27 -17.48
N GLN A 179 -0.01 15.57 -17.37
CA GLN A 179 -0.48 16.89 -16.96
C GLN A 179 -0.18 17.18 -15.49
N SER A 180 -0.37 16.20 -14.62
CA SER A 180 -0.27 16.41 -13.17
C SER A 180 1.08 16.01 -12.60
N GLY A 181 1.79 15.07 -13.23
CA GLY A 181 3.00 14.50 -12.65
C GLY A 181 2.77 13.41 -11.63
N LYS A 182 1.53 13.02 -11.37
CA LYS A 182 1.20 12.08 -10.29
C LYS A 182 1.31 10.64 -10.76
N THR A 183 1.81 9.78 -9.88
CA THR A 183 1.79 8.35 -10.14
C THR A 183 0.40 7.77 -9.87
N ILE A 184 0.20 6.52 -10.26
CA ILE A 184 -1.05 5.83 -9.94
C ILE A 184 -1.30 5.82 -8.43
N LEU A 185 -0.28 5.44 -7.65
CA LEU A 185 -0.46 5.43 -6.19
C LEU A 185 -0.76 6.83 -5.66
N ASP A 186 -0.13 7.87 -6.23
CA ASP A 186 -0.49 9.24 -5.83
C ASP A 186 -1.98 9.47 -5.97
N PHE A 187 -2.57 9.06 -7.11
CA PHE A 187 -4.00 9.25 -7.32
C PHE A 187 -4.83 8.43 -6.33
N LEU A 188 -4.39 7.22 -6.01
CA LEU A 188 -5.15 6.42 -5.04
C LEU A 188 -5.13 7.10 -3.69
N LYS A 189 -3.99 7.71 -3.33
CA LYS A 189 -3.90 8.44 -2.08
C LYS A 189 -4.80 9.66 -2.08
N SER A 190 -4.85 10.40 -3.19
CA SER A 190 -5.67 11.60 -3.25
C SER A 190 -6.03 11.91 -4.71
N ASP A 191 -7.33 12.01 -4.99
CA ASP A 191 -7.83 12.30 -6.34
C ASP A 191 -9.04 13.22 -6.26
N GLY A 192 -8.86 14.38 -5.63
CA GLY A 192 -9.95 15.34 -5.58
C GLY A 192 -11.20 14.73 -4.99
N PHE A 193 -12.34 14.98 -5.64
CA PHE A 193 -13.58 14.30 -5.25
C PHE A 193 -13.97 13.21 -6.25
N ALA A 194 -13.06 12.81 -7.13
CA ALA A 194 -13.32 11.77 -8.12
C ALA A 194 -12.97 10.38 -7.62
N ASN A 195 -11.90 10.25 -6.84
CA ASN A 195 -11.49 8.99 -6.21
C ASN A 195 -11.49 7.82 -7.20
N ARG A 196 -10.81 8.01 -8.32
CA ARG A 196 -10.69 6.92 -9.28
C ARG A 196 -9.84 5.79 -8.70
N ASN A 197 -10.28 4.54 -8.87
CA ASN A 197 -9.46 3.43 -8.43
C ASN A 197 -8.56 2.97 -9.59
N PHE A 198 -7.79 1.91 -9.33
CA PHE A 198 -6.78 1.44 -10.29
C PHE A 198 -7.39 1.15 -11.65
N MET A 199 -8.49 0.38 -11.69
CA MET A 199 -9.09 0.08 -12.99
C MET A 199 -9.56 1.34 -13.71
N GLN A 200 -10.12 2.31 -12.98
CA GLN A 200 -10.51 3.56 -13.62
C GLN A 200 -9.30 4.31 -14.14
N LEU A 201 -8.23 4.40 -13.33
CA LEU A 201 -7.10 5.22 -13.71
C LEU A 201 -6.46 4.74 -15.01
N ILE A 202 -6.36 3.42 -15.18
CA ILE A 202 -5.67 2.89 -16.37
C ILE A 202 -6.57 2.82 -17.58
N HIS A 203 -7.86 3.16 -17.44
CA HIS A 203 -8.75 3.23 -18.60
C HIS A 203 -9.22 4.65 -18.91
N ASP A 204 -8.72 5.65 -18.18
CA ASP A 204 -9.23 7.02 -18.26
C ASP A 204 -8.55 7.76 -19.41
N ASP A 205 -9.35 8.13 -20.42
CA ASP A 205 -8.80 8.89 -21.54
C ASP A 205 -8.33 10.29 -21.17
N SER A 206 -8.71 10.81 -20.00
CA SER A 206 -8.23 12.14 -19.63
C SER A 206 -6.89 12.11 -18.91
N LEU A 207 -6.36 10.92 -18.62
CA LEU A 207 -5.02 10.75 -18.07
C LEU A 207 -4.15 10.06 -19.12
N THR A 208 -2.85 9.92 -18.83
CA THR A 208 -1.96 9.29 -19.79
C THR A 208 -1.48 7.90 -19.37
N PHE A 209 -2.04 7.31 -18.30
CA PHE A 209 -1.62 5.97 -17.91
C PHE A 209 -1.97 4.95 -19.00
N LYS A 210 -3.21 5.01 -19.51
CA LYS A 210 -3.64 4.09 -20.55
C LYS A 210 -2.71 4.16 -21.75
N GLU A 211 -2.36 5.38 -22.16
CA GLU A 211 -1.46 5.57 -23.31
C GLU A 211 -0.09 4.94 -23.03
N ASP A 212 0.45 5.15 -21.83
CA ASP A 212 1.75 4.56 -21.47
C ASP A 212 1.69 3.03 -21.53
N ILE A 213 0.60 2.45 -21.02
CA ILE A 213 0.46 1.01 -21.03
C ILE A 213 0.35 0.48 -22.45
N GLN A 214 -0.37 1.20 -23.32
CA GLN A 214 -0.46 0.75 -24.70
C GLN A 214 0.89 0.83 -25.40
N LYS A 215 1.65 1.91 -25.15
CA LYS A 215 2.98 2.03 -25.75
C LYS A 215 3.92 0.94 -25.26
N ALA A 216 3.79 0.53 -24.00
CA ALA A 216 4.68 -0.50 -23.46
C ALA A 216 4.46 -1.85 -24.11
N GLN A 217 3.32 -2.06 -24.78
CA GLN A 217 3.04 -3.34 -25.41
C GLN A 217 3.86 -3.52 -26.68
N VAL A 218 3.92 -4.76 -27.14
CA VAL A 218 4.45 -5.07 -28.45
C VAL A 218 3.39 -4.77 -29.51
C1 EDO B . 5.61 4.10 5.16
O1 EDO B . 5.27 3.01 6.03
C2 EDO B . 4.47 5.12 5.14
O2 EDO B . 4.38 5.78 6.41
H11 EDO B . 5.77 3.72 4.14
H12 EDO B . 6.53 4.58 5.50
HO1 EDO B . 4.42 3.18 6.44
H21 EDO B . 3.52 4.61 4.92
H22 EDO B . 4.65 5.85 4.35
HO2 EDO B . 5.06 5.45 7.00
C1 EDO C . 3.38 4.84 1.83
O1 EDO C . 2.60 6.05 1.93
C2 EDO C . 3.22 4.25 0.43
O2 EDO C . 4.01 4.99 -0.50
H11 EDO C . 3.04 4.12 2.58
H12 EDO C . 4.43 5.06 2.02
HO1 EDO C . 2.74 6.44 2.81
H21 EDO C . 2.18 4.27 0.14
H22 EDO C . 3.55 3.20 0.44
HO2 EDO C . 4.28 5.83 -0.10
C1 EDO D . -5.57 -7.58 14.85
O1 EDO D . -5.92 -7.65 13.46
C2 EDO D . -4.08 -7.57 15.06
O2 EDO D . -3.62 -6.21 15.16
H11 EDO D . -6.00 -8.43 15.37
H12 EDO D . -6.00 -6.66 15.28
HO1 EDO D . -6.89 -7.59 13.36
H21 EDO D . -3.58 -8.06 14.23
H22 EDO D . -3.83 -8.11 15.98
HO2 EDO D . -3.72 -5.90 16.07
C1 EDO E . -25.92 16.56 -5.38
O1 EDO E . -24.69 15.96 -4.96
C2 EDO E . -27.00 15.49 -5.54
O2 EDO E . -27.38 15.02 -4.25
H11 EDO E . -25.78 17.08 -6.33
H12 EDO E . -26.24 17.29 -4.64
HO1 EDO E . -24.03 16.65 -4.78
H21 EDO E . -26.60 14.67 -6.15
H22 EDO E . -27.86 15.91 -6.05
HO2 EDO E . -26.75 15.34 -3.58
C1 EDO F . -24.24 15.82 -0.40
O1 EDO F . -24.47 16.03 0.99
C2 EDO F . -25.24 16.67 -1.18
O2 EDO F . -24.83 18.04 -1.22
H11 EDO F . -24.37 14.76 -0.64
H12 EDO F . -23.22 16.11 -0.66
HO1 EDO F . -23.82 15.55 1.51
H21 EDO F . -26.23 16.58 -0.72
H22 EDO F . -25.33 16.29 -2.20
HO2 EDO F . -24.49 18.29 -0.34
#